data_3FNN
#
_entry.id   3FNN
#
_cell.length_a   95.806
_cell.length_b   95.806
_cell.length_c   64.637
_cell.angle_alpha   90.00
_cell.angle_beta   90.00
_cell.angle_gamma   90.00
#
_symmetry.space_group_name_H-M   'P 42 2 2'
#
loop_
_entity.id
_entity.type
_entity.pdbx_description
1 polymer 'Thymidylate synthase thyX'
2 non-polymer 'FLAVIN-ADENINE DINUCLEOTIDE'
3 water water
#
_entity_poly.entity_id   1
_entity_poly.type   'polypeptide(L)'
_entity_poly.pdbx_seq_one_letter_code
;HHHHHHMAEQVKLSVELIACSSFTPPADVEWSTDVEGAEALVEFAGRACYETFDKPNPRTASNAAYLRHIMEVGHTALLE
HANATMYIRGISRSATHELVRHRHFSFSQLSQRFVHSGESEVVVPTLIDEDPQLRELFMHAMDESRFAFNELLNALEEKL
GDEPNALLRKKQARQAARAVLPNATESRIVVSGNFRTWRHFIGMRASEHADVEIREVAVECLRKLQVAAPTVFGDFEIET
LADGSQMATSPYVMDF
;
_entity_poly.pdbx_strand_id   A
#
loop_
_chem_comp.id
_chem_comp.type
_chem_comp.name
_chem_comp.formula
FAD non-polymer 'FLAVIN-ADENINE DINUCLEOTIDE' 'C27 H33 N9 O15 P2'
#
# COMPACT_ATOMS: atom_id res chain seq x y z
N GLU A 9 -10.16 11.87 -18.50
CA GLU A 9 -10.42 12.45 -17.13
C GLU A 9 -9.32 12.14 -16.09
N GLN A 10 -8.79 13.20 -15.50
CA GLN A 10 -7.70 13.08 -14.54
C GLN A 10 -8.19 12.74 -13.14
N VAL A 11 -7.61 11.70 -12.53
CA VAL A 11 -7.88 11.30 -11.14
C VAL A 11 -6.59 11.34 -10.31
N LYS A 12 -6.75 11.53 -9.00
CA LYS A 12 -5.64 11.56 -8.06
C LYS A 12 -5.65 10.28 -7.22
N LEU A 13 -4.48 9.97 -6.66
CA LEU A 13 -4.32 8.88 -5.74
C LEU A 13 -5.30 8.91 -4.56
N SER A 14 -5.89 7.77 -4.27
CA SER A 14 -6.70 7.59 -3.09
C SER A 14 -6.34 6.24 -2.45
N VAL A 15 -5.90 6.29 -1.20
CA VAL A 15 -5.66 5.10 -0.39
C VAL A 15 -6.61 5.06 0.81
N GLU A 16 -7.34 3.96 0.94
CA GLU A 16 -8.30 3.79 2.00
C GLU A 16 -8.01 2.45 2.71
N LEU A 17 -7.91 2.49 4.04
CA LEU A 17 -7.72 1.30 4.87
C LEU A 17 -9.09 0.68 5.12
N ILE A 18 -9.35 -0.46 4.48
CA ILE A 18 -10.66 -1.07 4.52
C ILE A 18 -10.74 -2.33 5.41
N ALA A 19 -9.58 -2.83 5.88
CA ALA A 19 -9.56 -4.02 6.76
C ALA A 19 -8.34 -4.10 7.65
N CYS A 20 -8.57 -4.70 8.79
CA CYS A 20 -7.57 -4.76 9.83
C CYS A 20 -7.85 -5.96 10.70
N SER A 21 -6.91 -6.31 11.57
CA SER A 21 -7.11 -7.48 12.43
C SER A 21 -7.93 -7.11 13.67
N SER A 22 -8.93 -7.91 13.99
CA SER A 22 -9.62 -7.80 15.28
C SER A 22 -9.16 -8.95 16.16
N PHE A 23 -8.72 -8.61 17.37
CA PHE A 23 -8.18 -9.56 18.32
C PHE A 23 -9.10 -9.81 19.53
N THR A 24 -9.34 -11.09 19.83
CA THR A 24 -9.87 -11.48 21.13
C THR A 24 -9.11 -12.66 21.78
N PRO A 25 -8.60 -12.45 23.01
CA PRO A 25 -7.80 -13.45 23.74
C PRO A 25 -8.64 -14.66 24.12
N PRO A 26 -8.01 -15.84 24.23
CA PRO A 26 -8.78 -16.92 24.85
C PRO A 26 -9.02 -16.55 26.32
N ALA A 27 -10.25 -16.78 26.80
CA ALA A 27 -10.67 -16.42 28.16
C ALA A 27 -9.78 -17.04 29.24
N ASP A 28 -9.24 -18.23 28.94
CA ASP A 28 -8.49 -19.02 29.91
C ASP A 28 -7.00 -18.68 29.99
N VAL A 29 -6.62 -17.53 29.43
CA VAL A 29 -5.23 -17.05 29.48
C VAL A 29 -5.16 -15.83 30.40
N GLU A 30 -4.37 -15.95 31.48
CA GLU A 30 -4.19 -14.85 32.43
C GLU A 30 -3.25 -13.78 31.84
N TRP A 31 -3.83 -12.94 30.99
CA TRP A 31 -3.12 -11.86 30.31
C TRP A 31 -4.10 -10.79 29.82
N SER A 32 -3.69 -9.53 29.97
CA SER A 32 -4.44 -8.38 29.49
C SER A 32 -3.42 -7.35 29.05
N THR A 33 -3.81 -6.47 28.13
CA THR A 33 -2.91 -5.40 27.69
C THR A 33 -3.61 -4.07 27.45
N ASP A 34 -2.80 -3.01 27.39
CA ASP A 34 -3.27 -1.64 27.34
C ASP A 34 -3.74 -1.18 25.96
N VAL A 35 -3.95 -2.14 25.04
CA VAL A 35 -4.35 -1.83 23.67
C VAL A 35 -5.23 -2.93 23.10
N GLU A 36 -5.92 -2.61 22.00
CA GLU A 36 -6.85 -3.50 21.35
C GLU A 36 -6.31 -3.89 19.96
N GLY A 37 -6.88 -4.95 19.37
CA GLY A 37 -6.63 -5.32 17.98
C GLY A 37 -5.22 -5.76 17.61
N ALA A 38 -4.81 -5.35 16.41
CA ALA A 38 -3.57 -5.83 15.78
C ALA A 38 -2.35 -5.83 16.70
N GLU A 39 -2.13 -4.73 17.39
CA GLU A 39 -0.94 -4.61 18.27
C GLU A 39 -0.99 -5.49 19.52
N ALA A 40 -2.19 -5.73 20.04
CA ALA A 40 -2.44 -6.71 21.11
C ALA A 40 -2.20 -8.15 20.61
N LEU A 41 -2.64 -8.41 19.38
CA LEU A 41 -2.37 -9.70 18.73
C LEU A 41 -0.87 -9.98 18.64
N VAL A 42 -0.12 -8.99 18.15
CA VAL A 42 1.31 -9.14 17.98
C VAL A 42 1.98 -9.46 19.34
N GLU A 43 1.57 -8.73 20.38
CA GLU A 43 2.09 -8.97 21.72
C GLU A 43 1.74 -10.37 22.22
N PHE A 44 0.47 -10.76 22.05
CA PHE A 44 0.03 -12.10 22.39
C PHE A 44 0.90 -13.19 21.73
N ALA A 45 1.09 -13.11 20.41
CA ALA A 45 1.96 -14.05 19.69
C ALA A 45 3.38 -14.09 20.26
N GLY A 46 3.96 -12.94 20.60
CA GLY A 46 5.27 -12.89 21.29
C GLY A 46 5.29 -13.61 22.64
N ARG A 47 4.33 -13.30 23.51
CA ARG A 47 4.24 -13.95 24.80
C ARG A 47 3.94 -15.44 24.70
N ALA A 48 3.21 -15.83 23.65
CA ALA A 48 2.92 -17.23 23.39
C ALA A 48 4.19 -18.06 23.11
N CYS A 49 5.21 -17.41 22.56
CA CYS A 49 6.48 -18.07 22.26
C CYS A 49 7.25 -18.46 23.49
N TYR A 50 7.25 -17.58 24.49
CA TYR A 50 8.07 -17.73 25.67
C TYR A 50 7.30 -17.95 26.96
N GLU A 51 5.97 -18.00 26.86
CA GLU A 51 5.08 -18.15 28.02
C GLU A 51 5.31 -17.05 29.05
N THR A 52 5.23 -15.80 28.58
CA THR A 52 5.43 -14.62 29.41
C THR A 52 4.13 -13.82 29.57
N PHE A 53 3.01 -14.53 29.66
CA PHE A 53 1.71 -13.88 29.79
C PHE A 53 1.62 -13.11 31.10
N ASP A 54 2.17 -13.69 32.17
CA ASP A 54 2.56 -12.94 33.37
C ASP A 54 3.78 -12.15 32.95
N LYS A 55 3.78 -10.84 33.19
CA LYS A 55 4.81 -9.99 32.58
C LYS A 55 6.01 -9.77 33.50
N PRO A 56 7.04 -10.65 33.39
CA PRO A 56 8.11 -10.74 34.39
C PRO A 56 9.11 -9.58 34.30
N ASN A 57 9.20 -8.96 33.12
CA ASN A 57 10.09 -7.83 32.91
C ASN A 57 9.34 -6.50 33.00
N PRO A 58 9.73 -5.64 33.98
CA PRO A 58 9.03 -4.35 34.16
C PRO A 58 9.28 -3.38 33.01
N ARG A 59 10.40 -3.55 32.31
CA ARG A 59 10.75 -2.72 31.16
C ARG A 59 9.75 -2.92 29.99
N THR A 60 9.50 -4.18 29.64
CA THR A 60 8.68 -4.51 28.47
C THR A 60 7.28 -5.04 28.85
N ALA A 61 6.70 -4.45 29.89
CA ALA A 61 5.40 -4.87 30.40
C ALA A 61 4.23 -4.31 29.57
N SER A 62 4.30 -3.03 29.20
CA SER A 62 3.29 -2.38 28.34
C SER A 62 3.40 -2.82 26.86
N ASN A 63 2.29 -2.77 26.13
CA ASN A 63 2.25 -3.11 24.67
C ASN A 63 3.29 -2.37 23.82
N ALA A 64 3.28 -1.04 23.93
CA ALA A 64 4.16 -0.18 23.16
C ALA A 64 5.62 -0.52 23.41
N ALA A 65 5.96 -0.71 24.69
CA ALA A 65 7.29 -1.11 25.09
C ALA A 65 7.62 -2.53 24.63
N TYR A 66 6.63 -3.42 24.77
CA TYR A 66 6.81 -4.81 24.31
C TYR A 66 7.13 -4.89 22.80
N LEU A 67 6.28 -4.23 21.99
CA LEU A 67 6.46 -4.20 20.52
C LEU A 67 7.77 -3.54 20.09
N ARG A 68 8.21 -2.53 20.84
CA ARG A 68 9.46 -1.83 20.55
C ARG A 68 10.69 -2.75 20.74
N HIS A 69 10.58 -3.68 21.68
CA HIS A 69 11.62 -4.66 21.97
C HIS A 69 11.70 -5.75 20.89
N ILE A 70 10.54 -6.30 20.54
CA ILE A 70 10.39 -7.19 19.37
C ILE A 70 11.19 -6.69 18.18
N MET A 71 11.07 -5.39 17.92
CA MET A 71 11.78 -4.74 16.82
C MET A 71 13.31 -4.85 16.93
N GLU A 72 13.84 -4.45 18.10
CA GLU A 72 15.31 -4.38 18.26
C GLU A 72 15.93 -5.77 18.22
N VAL A 73 15.27 -6.71 18.89
CA VAL A 73 15.74 -8.10 18.91
C VAL A 73 15.50 -8.84 17.56
N GLY A 74 14.82 -8.16 16.63
CA GLY A 74 14.62 -8.67 15.25
C GLY A 74 13.65 -9.84 15.12
N HIS A 75 12.62 -9.85 15.97
CA HIS A 75 11.64 -10.94 15.92
C HIS A 75 10.56 -10.11 15.24
N THR A 76 10.58 -10.16 13.91
CA THR A 76 9.70 -9.34 13.08
C THR A 76 8.65 -10.35 12.57
N ALA A 77 9.00 -11.65 12.57
CA ALA A 77 8.02 -12.72 12.30
C ALA A 77 6.72 -12.59 13.12
N LEU A 78 6.82 -12.06 14.34
CA LEU A 78 5.62 -11.76 15.14
C LEU A 78 4.68 -10.81 14.43
N LEU A 79 5.21 -9.94 13.58
CA LEU A 79 4.39 -8.98 12.83
C LEU A 79 3.50 -9.63 11.80
N GLU A 80 3.85 -10.84 11.38
CA GLU A 80 3.07 -11.56 10.36
C GLU A 80 1.65 -11.93 10.76
N HIS A 81 1.33 -11.90 12.04
CA HIS A 81 -0.03 -12.28 12.45
C HIS A 81 -1.06 -11.19 12.23
N ALA A 82 -0.59 -9.95 12.19
CA ALA A 82 -1.46 -8.80 11.98
C ALA A 82 -1.59 -8.48 10.50
N ASN A 83 -2.82 -8.18 10.09
CA ASN A 83 -3.14 -7.92 8.69
C ASN A 83 -3.80 -6.58 8.42
N ALA A 84 -3.58 -6.05 7.21
CA ALA A 84 -4.19 -4.78 6.73
C ALA A 84 -4.49 -4.89 5.24
N THR A 85 -5.68 -4.41 4.86
CA THR A 85 -6.14 -4.34 3.48
C THR A 85 -6.37 -2.89 3.06
N MET A 86 -5.72 -2.49 1.97
CA MET A 86 -5.94 -1.19 1.35
C MET A 86 -6.73 -1.31 0.10
N TYR A 87 -7.58 -0.31 -0.15
CA TYR A 87 -8.23 -0.13 -1.44
C TYR A 87 -7.57 1.09 -2.07
N ILE A 88 -6.88 0.88 -3.18
CA ILE A 88 -6.12 1.94 -3.83
C ILE A 88 -6.73 2.27 -5.20
N ARG A 89 -7.03 3.56 -5.39
CA ARG A 89 -7.55 4.11 -6.62
C ARG A 89 -6.64 5.23 -7.00
N GLY A 90 -6.70 5.66 -8.26
CA GLY A 90 -5.89 6.77 -8.71
C GLY A 90 -4.44 6.37 -8.78
N ILE A 91 -4.20 5.12 -9.14
CA ILE A 91 -2.84 4.59 -9.29
C ILE A 91 -2.69 4.14 -10.74
N SER A 92 -1.63 4.54 -11.40
CA SER A 92 -1.43 4.13 -12.79
C SER A 92 -1.17 2.61 -12.90
N ARG A 93 -1.43 2.06 -14.08
CA ARG A 93 -1.02 0.71 -14.42
C ARG A 93 0.47 0.47 -14.26
N SER A 94 1.32 1.46 -14.56
CA SER A 94 2.75 1.23 -14.40
C SER A 94 3.16 1.10 -12.93
N ALA A 95 2.50 1.86 -12.05
CA ALA A 95 2.79 1.78 -10.62
C ALA A 95 2.21 0.50 -10.02
N THR A 96 1.02 0.12 -10.47
CA THR A 96 0.48 -1.19 -10.15
C THR A 96 1.37 -2.36 -10.59
N HIS A 97 1.98 -2.30 -11.78
CA HIS A 97 2.97 -3.30 -12.19
C HIS A 97 4.13 -3.44 -11.17
N GLU A 98 4.55 -2.32 -10.58
CA GLU A 98 5.62 -2.30 -9.55
C GLU A 98 5.10 -2.87 -8.24
N LEU A 99 3.86 -2.53 -7.91
CA LEU A 99 3.26 -2.95 -6.67
C LEU A 99 3.10 -4.46 -6.63
N VAL A 100 2.60 -5.06 -7.73
CA VAL A 100 2.40 -6.51 -7.75
C VAL A 100 3.71 -7.34 -7.77
N ARG A 101 4.86 -6.68 -7.89
CA ARG A 101 6.16 -7.37 -7.83
C ARG A 101 6.43 -7.85 -6.42
N HIS A 102 5.65 -7.36 -5.46
CA HIS A 102 5.83 -7.73 -4.05
C HIS A 102 4.94 -8.88 -3.78
N ARG A 103 5.57 -10.05 -3.63
CA ARG A 103 4.92 -11.34 -3.85
C ARG A 103 4.25 -11.92 -2.60
N HIS A 104 4.46 -11.29 -1.46
CA HIS A 104 3.75 -11.68 -0.27
C HIS A 104 2.46 -10.92 -0.02
N PHE A 105 2.10 -9.98 -0.92
CA PHE A 105 0.74 -9.40 -0.90
C PHE A 105 -0.24 -10.35 -1.61
N SER A 106 -1.53 -10.17 -1.31
CA SER A 106 -2.64 -10.65 -2.12
C SER A 106 -3.36 -9.47 -2.79
N PHE A 107 -3.68 -9.61 -4.08
CA PHE A 107 -4.25 -8.52 -4.88
C PHE A 107 -5.54 -8.94 -5.52
N SER A 108 -6.43 -7.95 -5.62
CA SER A 108 -7.56 -8.02 -6.53
C SER A 108 -7.56 -6.68 -7.26
N GLN A 109 -7.23 -6.74 -8.54
CA GLN A 109 -7.15 -5.59 -9.42
C GLN A 109 -8.37 -5.47 -10.32
N LEU A 110 -8.80 -4.23 -10.55
CA LEU A 110 -9.77 -3.89 -11.60
C LEU A 110 -9.43 -4.57 -12.94
N SER A 111 -10.34 -5.39 -13.43
CA SER A 111 -10.12 -6.05 -14.70
C SER A 111 -10.04 -5.04 -15.88
N GLN A 112 -8.87 -4.94 -16.53
CA GLN A 112 -8.67 -4.01 -17.69
C GLN A 112 -9.14 -4.68 -18.97
N SER A 120 -11.91 7.52 -20.46
CA SER A 120 -10.83 6.88 -19.70
C SER A 120 -10.26 7.74 -18.58
N GLU A 121 -10.31 7.23 -17.35
CA GLU A 121 -9.62 7.84 -16.22
C GLU A 121 -8.11 7.63 -16.28
N VAL A 122 -7.36 8.70 -16.01
CA VAL A 122 -5.91 8.66 -16.13
C VAL A 122 -5.21 9.29 -14.91
N VAL A 123 -3.97 8.88 -14.69
CA VAL A 123 -3.14 9.41 -13.63
C VAL A 123 -1.99 10.19 -14.25
N VAL A 124 -1.91 11.48 -13.89
CA VAL A 124 -0.87 12.37 -14.41
C VAL A 124 0.33 12.37 -13.46
N PRO A 125 1.55 12.12 -13.98
CA PRO A 125 2.70 12.18 -13.09
C PRO A 125 2.83 13.61 -12.52
N THR A 126 3.17 13.71 -11.24
CA THR A 126 3.09 15.00 -10.52
C THR A 126 4.01 16.05 -11.13
N LEU A 127 5.15 15.62 -11.65
CA LEU A 127 6.08 16.49 -12.35
C LEU A 127 5.47 17.10 -13.59
N ILE A 128 4.52 16.39 -14.20
CA ILE A 128 3.78 16.92 -15.36
C ILE A 128 2.57 17.72 -14.87
N ASP A 129 1.89 17.19 -13.85
CA ASP A 129 0.74 17.86 -13.25
C ASP A 129 1.03 19.31 -12.76
N GLU A 130 2.27 19.54 -12.33
CA GLU A 130 2.71 20.84 -11.78
C GLU A 130 2.97 21.95 -12.79
N ASP A 131 2.96 21.60 -14.07
CA ASP A 131 3.15 22.52 -15.16
C ASP A 131 1.92 22.46 -16.05
N PRO A 132 1.08 23.52 -16.03
CA PRO A 132 -0.15 23.56 -16.80
C PRO A 132 0.07 23.26 -18.28
N GLN A 133 1.17 23.72 -18.84
CA GLN A 133 1.40 23.54 -20.27
C GLN A 133 1.80 22.08 -20.62
N LEU A 134 2.58 21.46 -19.74
CA LEU A 134 2.88 20.04 -19.89
C LEU A 134 1.62 19.19 -19.68
N ARG A 135 0.83 19.57 -18.68
CA ARG A 135 -0.39 18.85 -18.40
C ARG A 135 -1.31 18.79 -19.59
N GLU A 136 -1.44 19.91 -20.32
CA GLU A 136 -2.34 19.98 -21.47
C GLU A 136 -1.81 19.07 -22.56
N LEU A 137 -0.50 19.13 -22.77
CA LEU A 137 0.21 18.28 -23.72
C LEU A 137 -0.01 16.81 -23.37
N PHE A 138 0.11 16.45 -22.08
CA PHE A 138 -0.12 15.09 -21.59
C PHE A 138 -1.54 14.63 -21.86
N MET A 139 -2.52 15.47 -21.51
CA MET A 139 -3.92 15.11 -21.66
C MET A 139 -4.34 15.01 -23.11
N HIS A 140 -3.72 15.80 -23.99
CA HIS A 140 -3.97 15.67 -25.43
C HIS A 140 -3.44 14.30 -25.92
N ALA A 141 -2.30 13.87 -25.40
CA ALA A 141 -1.80 12.53 -25.70
C ALA A 141 -2.73 11.42 -25.17
N MET A 142 -3.42 11.69 -24.07
CA MET A 142 -4.37 10.73 -23.47
C MET A 142 -5.66 10.61 -24.31
N ASP A 143 -6.22 11.75 -24.71
CA ASP A 143 -7.35 11.79 -25.66
C ASP A 143 -7.01 11.04 -26.94
N GLU A 144 -5.80 11.28 -27.45
CA GLU A 144 -5.34 10.62 -28.68
C GLU A 144 -5.34 9.10 -28.51
N SER A 145 -4.75 8.60 -27.44
CA SER A 145 -4.78 7.16 -27.11
C SER A 145 -6.18 6.61 -27.05
N ARG A 146 -7.08 7.38 -26.45
CA ARG A 146 -8.46 6.96 -26.33
C ARG A 146 -9.17 6.98 -27.68
N PHE A 147 -8.88 7.97 -28.53
CA PHE A 147 -9.46 8.02 -29.88
C PHE A 147 -9.02 6.80 -30.67
N ALA A 148 -7.73 6.48 -30.59
CA ALA A 148 -7.15 5.34 -31.28
C ALA A 148 -7.73 4.00 -30.78
N PHE A 149 -8.01 3.92 -29.48
CA PHE A 149 -8.61 2.73 -28.88
C PHE A 149 -9.99 2.46 -29.45
N ASN A 150 -10.85 3.48 -29.45
CA ASN A 150 -12.20 3.38 -29.99
C ASN A 150 -12.21 3.12 -31.51
N GLU A 151 -11.43 3.88 -32.26
CA GLU A 151 -11.31 3.68 -33.70
C GLU A 151 -10.85 2.27 -34.06
N LEU A 152 -10.06 1.62 -33.20
CA LEU A 152 -9.62 0.22 -33.40
C LEU A 152 -10.65 -0.79 -32.97
N LEU A 153 -11.30 -0.54 -31.84
CA LEU A 153 -12.28 -1.47 -31.28
C LEU A 153 -13.51 -1.56 -32.20
N ASN A 154 -13.89 -0.42 -32.78
CA ASN A 154 -14.98 -0.37 -33.75
C ASN A 154 -14.63 -1.03 -35.09
N ALA A 155 -13.39 -0.85 -35.54
CA ALA A 155 -12.90 -1.55 -36.72
C ALA A 155 -12.93 -3.06 -36.49
N LEU A 156 -12.53 -3.50 -35.31
CA LEU A 156 -12.50 -4.93 -34.99
C LEU A 156 -13.89 -5.57 -34.85
N GLU A 157 -14.73 -5.01 -33.98
CA GLU A 157 -16.07 -5.57 -33.70
C GLU A 157 -16.93 -5.68 -34.96
N GLU A 158 -16.70 -4.77 -35.90
CA GLU A 158 -17.28 -4.85 -37.23
C GLU A 158 -17.18 -6.28 -37.80
N LYS A 159 -15.96 -6.83 -37.82
CA LYS A 159 -15.77 -8.25 -38.15
C LYS A 159 -15.55 -9.09 -36.89
N ARG A 169 -14.72 -13.82 -27.73
CA ARG A 169 -14.68 -13.45 -29.16
C ARG A 169 -14.77 -11.93 -29.40
N LYS A 170 -15.71 -11.27 -28.71
CA LYS A 170 -15.74 -9.79 -28.68
C LYS A 170 -15.07 -9.27 -27.39
N LYS A 171 -14.75 -10.20 -26.49
CA LYS A 171 -13.81 -9.97 -25.41
C LYS A 171 -12.40 -9.94 -26.02
N GLN A 172 -12.24 -10.63 -27.15
CA GLN A 172 -10.97 -10.66 -27.86
C GLN A 172 -10.66 -9.33 -28.59
N ALA A 173 -11.68 -8.67 -29.12
CA ALA A 173 -11.51 -7.35 -29.78
C ALA A 173 -11.14 -6.21 -28.81
N ARG A 174 -11.74 -6.23 -27.61
CA ARG A 174 -11.38 -5.26 -26.59
C ARG A 174 -9.98 -5.53 -26.04
N GLN A 175 -9.65 -6.79 -25.81
CA GLN A 175 -8.33 -7.08 -25.24
C GLN A 175 -7.19 -6.75 -26.25
N ALA A 176 -7.53 -6.77 -27.53
CA ALA A 176 -6.58 -6.36 -28.59
C ALA A 176 -6.44 -4.84 -28.67
N ALA A 177 -7.55 -4.12 -28.79
CA ALA A 177 -7.58 -2.66 -28.74
C ALA A 177 -6.93 -1.99 -27.48
N ARG A 178 -7.06 -2.64 -26.31
CA ARG A 178 -6.38 -2.20 -25.07
C ARG A 178 -4.86 -1.99 -25.23
N ALA A 179 -4.25 -2.80 -26.11
CA ALA A 179 -2.80 -2.72 -26.39
C ALA A 179 -2.31 -1.29 -26.59
N VAL A 180 -3.22 -0.42 -26.97
CA VAL A 180 -2.96 0.97 -27.31
C VAL A 180 -3.07 1.90 -26.08
N LEU A 181 -3.62 1.39 -24.97
CA LEU A 181 -3.81 2.21 -23.80
C LEU A 181 -2.49 2.53 -23.08
N PRO A 182 -2.34 3.79 -22.60
CA PRO A 182 -1.10 4.22 -21.95
C PRO A 182 -0.87 3.67 -20.54
N ASN A 183 0.39 3.69 -20.09
CA ASN A 183 0.79 3.39 -18.70
C ASN A 183 -0.05 4.14 -17.66
N ALA A 184 -0.45 5.36 -18.02
CA ALA A 184 -1.14 6.30 -17.13
C ALA A 184 -2.58 5.89 -16.82
N THR A 185 -3.14 4.97 -17.61
CA THR A 185 -4.49 4.47 -17.38
C THR A 185 -4.67 4.12 -15.91
N GLU A 186 -5.75 4.59 -15.32
CA GLU A 186 -5.97 4.40 -13.90
C GLU A 186 -6.26 2.92 -13.62
N SER A 187 -5.70 2.44 -12.53
CA SER A 187 -6.10 1.16 -12.04
C SER A 187 -6.68 1.34 -10.65
N ARG A 188 -7.31 0.29 -10.14
CA ARG A 188 -7.88 0.29 -8.80
C ARG A 188 -7.51 -1.06 -8.27
N ILE A 189 -7.09 -1.14 -7.02
CA ILE A 189 -6.59 -2.42 -6.53
C ILE A 189 -6.83 -2.64 -5.04
N VAL A 190 -7.40 -3.78 -4.71
CA VAL A 190 -7.43 -4.24 -3.33
C VAL A 190 -6.14 -5.01 -2.98
N VAL A 191 -5.46 -4.56 -1.94
CA VAL A 191 -4.17 -5.14 -1.58
C VAL A 191 -4.10 -5.50 -0.08
N SER A 192 -3.86 -6.78 0.19
CA SER A 192 -3.78 -7.31 1.54
C SER A 192 -2.40 -7.87 1.84
N GLY A 193 -1.95 -7.64 3.05
CA GLY A 193 -0.71 -8.23 3.50
C GLY A 193 -0.59 -8.10 4.98
N ASN A 194 0.30 -8.88 5.57
CA ASN A 194 0.55 -8.78 7.02
C ASN A 194 1.49 -7.61 7.28
N PHE A 195 1.67 -7.24 8.55
CA PHE A 195 2.43 -6.03 8.89
C PHE A 195 3.90 -6.12 8.45
N ARG A 196 4.42 -7.34 8.42
CA ARG A 196 5.78 -7.55 7.96
C ARG A 196 5.93 -7.22 6.46
N THR A 197 4.93 -7.63 5.68
CA THR A 197 4.92 -7.38 4.26
C THR A 197 4.77 -5.90 3.97
N TRP A 198 3.86 -5.25 4.70
CA TRP A 198 3.72 -3.78 4.67
C TRP A 198 5.00 -3.05 4.99
N ARG A 199 5.67 -3.47 6.07
CA ARG A 199 6.91 -2.79 6.48
C ARG A 199 7.95 -2.90 5.40
N HIS A 200 8.10 -4.09 4.83
CA HIS A 200 9.01 -4.33 3.69
C HIS A 200 8.63 -3.51 2.45
N PHE A 201 7.36 -3.51 2.04
CA PHE A 201 6.92 -2.65 0.91
C PHE A 201 7.37 -1.17 1.12
N ILE A 202 7.03 -0.65 2.29
CA ILE A 202 7.27 0.73 2.62
C ILE A 202 8.78 1.01 2.68
N GLY A 203 9.54 0.09 3.31
CA GLY A 203 10.99 0.21 3.36
C GLY A 203 11.69 0.31 2.02
N MET A 204 11.25 -0.49 1.06
CA MET A 204 11.79 -0.45 -0.31
C MET A 204 11.32 0.76 -1.13
N ARG A 205 10.02 1.07 -1.06
CA ARG A 205 9.42 2.04 -1.98
C ARG A 205 9.35 3.48 -1.46
N ALA A 206 9.31 3.66 -0.13
CA ALA A 206 9.17 5.00 0.46
C ALA A 206 10.51 5.72 0.57
N SER A 207 11.59 5.01 0.28
CA SER A 207 12.95 5.59 0.27
C SER A 207 13.21 6.50 -0.96
N GLU A 208 14.14 7.44 -0.85
CA GLU A 208 14.32 8.49 -1.90
C GLU A 208 14.71 7.95 -3.28
N HIS A 209 15.38 6.80 -3.27
CA HIS A 209 15.74 6.04 -4.47
C HIS A 209 14.55 5.89 -5.40
N ALA A 210 13.42 5.53 -4.80
CA ALA A 210 12.29 4.94 -5.52
C ALA A 210 11.59 5.86 -6.54
N ASP A 211 11.03 5.23 -7.57
CA ASP A 211 10.06 5.84 -8.47
C ASP A 211 9.07 6.68 -7.67
N VAL A 212 8.77 7.85 -8.22
CA VAL A 212 7.96 8.88 -7.57
C VAL A 212 6.55 8.39 -7.23
N GLU A 213 5.83 7.85 -8.23
CA GLU A 213 4.45 7.40 -8.01
C GLU A 213 4.32 6.28 -6.97
N ILE A 214 5.16 5.25 -7.08
CA ILE A 214 5.13 4.15 -6.09
C ILE A 214 5.57 4.62 -4.69
N ARG A 215 6.47 5.60 -4.64
CA ARG A 215 6.91 6.23 -3.36
C ARG A 215 5.74 6.91 -2.64
N GLU A 216 4.97 7.68 -3.40
CA GLU A 216 3.76 8.34 -2.92
C GLU A 216 2.73 7.36 -2.41
N VAL A 217 2.55 6.24 -3.13
CA VAL A 217 1.62 5.19 -2.73
C VAL A 217 2.08 4.61 -1.38
N ALA A 218 3.37 4.32 -1.28
CA ALA A 218 3.96 3.74 -0.05
C ALA A 218 3.81 4.67 1.16
N VAL A 219 4.17 5.96 0.98
CA VAL A 219 4.02 6.98 2.04
C VAL A 219 2.57 7.06 2.53
N GLU A 220 1.65 7.11 1.59
CA GLU A 220 0.25 7.15 1.91
C GLU A 220 -0.21 5.90 2.63
N CYS A 221 0.26 4.72 2.20
CA CYS A 221 -0.10 3.48 2.93
C CYS A 221 0.47 3.52 4.34
N LEU A 222 1.69 4.00 4.47
CA LEU A 222 2.35 4.13 5.76
C LEU A 222 1.53 5.04 6.73
N ARG A 223 1.21 6.23 6.25
CA ARG A 223 0.38 7.20 6.97
C ARG A 223 -0.88 6.55 7.55
N LYS A 224 -1.57 5.75 6.74
CA LYS A 224 -2.77 5.01 7.20
C LYS A 224 -2.41 4.00 8.29
N LEU A 225 -1.27 3.34 8.12
CA LEU A 225 -0.86 2.28 9.03
C LEU A 225 -0.24 2.83 10.32
N GLN A 226 0.43 3.97 10.23
CA GLN A 226 0.82 4.73 11.44
C GLN A 226 -0.38 5.13 12.32
N VAL A 227 -1.52 5.43 11.71
CA VAL A 227 -2.75 5.65 12.49
C VAL A 227 -3.25 4.35 13.07
N ALA A 228 -3.27 3.30 12.25
CA ALA A 228 -3.83 2.03 12.67
C ALA A 228 -2.99 1.31 13.75
N ALA A 229 -1.67 1.40 13.63
CA ALA A 229 -0.79 0.70 14.56
C ALA A 229 0.44 1.53 14.82
N PRO A 230 0.33 2.53 15.74
CA PRO A 230 1.36 3.56 15.91
C PRO A 230 2.72 3.03 16.32
N THR A 231 2.77 1.95 17.08
CA THR A 231 4.08 1.45 17.52
C THR A 231 4.78 0.59 16.45
N VAL A 232 4.00 -0.29 15.82
CA VAL A 232 4.57 -1.10 14.73
C VAL A 232 5.20 -0.21 13.65
N PHE A 233 4.53 0.86 13.28
CA PHE A 233 5.03 1.71 12.17
C PHE A 233 5.66 3.05 12.60
N GLY A 234 5.80 3.24 13.92
CA GLY A 234 6.27 4.49 14.51
C GLY A 234 7.67 4.90 14.16
N ASP A 235 8.52 3.91 13.90
CA ASP A 235 9.95 4.13 13.61
C ASP A 235 10.20 4.70 12.22
N PHE A 236 9.17 4.75 11.39
CA PHE A 236 9.32 5.31 10.06
C PHE A 236 9.19 6.84 10.09
N GLU A 237 10.18 7.51 9.52
CA GLU A 237 10.19 8.98 9.46
C GLU A 237 9.73 9.56 8.12
N ILE A 238 8.54 10.19 8.10
CA ILE A 238 8.06 10.95 6.93
C ILE A 238 8.66 12.36 6.90
N GLU A 239 9.45 12.62 5.87
CA GLU A 239 9.97 13.94 5.59
C GLU A 239 9.31 14.43 4.30
N THR A 240 9.06 15.74 4.20
CA THR A 240 8.78 16.35 2.89
C THR A 240 10.11 16.75 2.28
N LEU A 241 10.38 16.27 1.07
CA LEU A 241 11.54 16.69 0.31
C LEU A 241 11.31 18.10 -0.22
N ALA A 242 12.37 18.69 -0.80
CA ALA A 242 12.32 20.04 -1.36
C ALA A 242 11.29 20.21 -2.48
N ASP A 243 11.13 19.17 -3.33
CA ASP A 243 10.16 19.24 -4.42
C ASP A 243 8.70 19.06 -3.96
N GLY A 244 8.52 18.96 -2.64
CA GLY A 244 7.19 18.85 -2.06
C GLY A 244 6.69 17.43 -2.03
N SER A 245 7.49 16.51 -2.58
CA SER A 245 7.20 15.07 -2.51
C SER A 245 7.68 14.52 -1.18
N GLN A 246 6.95 13.56 -0.64
CA GLN A 246 7.29 12.97 0.66
C GLN A 246 8.03 11.66 0.54
N MET A 247 8.69 11.29 1.63
CA MET A 247 9.65 10.20 1.70
C MET A 247 9.52 9.61 3.10
N ALA A 248 10.00 8.38 3.29
CA ALA A 248 10.06 7.79 4.63
C ALA A 248 11.26 6.87 4.80
N THR A 249 11.95 7.02 5.93
CA THR A 249 13.11 6.19 6.23
C THR A 249 13.02 5.64 7.66
N SER A 250 13.78 4.57 7.93
CA SER A 250 13.84 3.94 9.24
C SER A 250 15.23 3.35 9.49
N PRO A 251 15.67 3.35 10.78
CA PRO A 251 16.92 2.68 11.17
C PRO A 251 16.81 1.15 11.14
PA FAD B . -0.12 -17.72 -7.76
O1A FAD B . 0.15 -18.12 -9.19
O2A FAD B . 0.48 -16.48 -7.19
O5B FAD B . 0.28 -18.95 -6.83
C5B FAD B . 0.04 -20.31 -7.20
C4B FAD B . -0.63 -21.03 -6.04
O4B FAD B . 0.06 -20.84 -4.77
C3B FAD B . -2.03 -20.49 -5.81
O3B FAD B . -2.96 -21.22 -6.58
C2B FAD B . -2.25 -20.71 -4.34
O2B FAD B . -2.58 -22.10 -4.16
C1B FAD B . -0.88 -20.53 -3.75
N9A FAD B . -0.63 -19.18 -3.16
C8A FAD B . 0.36 -18.31 -3.53
N7A FAD B . 0.33 -17.22 -2.71
C5A FAD B . -0.66 -17.45 -1.78
C6A FAD B . -1.19 -16.74 -0.69
N6A FAD B . -0.69 -15.53 -0.35
N1A FAD B . -2.23 -17.24 0.02
C2A FAD B . -2.75 -18.44 -0.27
N3A FAD B . -2.29 -19.16 -1.31
C4A FAD B . -1.25 -18.68 -2.08
N1 FAD B . -7.53 -11.28 -10.16
C2 FAD B . -7.63 -9.94 -10.24
O2 FAD B . -6.77 -9.25 -9.67
N3 FAD B . -8.61 -9.32 -10.94
C4 FAD B . -9.58 -10.02 -11.58
O4 FAD B . -10.50 -9.43 -12.20
C4X FAD B . -9.54 -11.49 -11.50
N5 FAD B . -10.45 -12.28 -12.11
C5X FAD B . -10.34 -13.64 -12.01
C6 FAD B . -11.31 -14.43 -12.64
C7 FAD B . -11.28 -15.81 -12.57
C7M FAD B . -12.37 -16.61 -13.30
C8 FAD B . -10.24 -16.44 -11.87
C8M FAD B . -10.19 -17.95 -11.81
C9 FAD B . -9.26 -15.66 -11.23
C9A FAD B . -9.30 -14.25 -11.29
N10 FAD B . -8.36 -13.48 -10.68
C10 FAD B . -8.43 -12.12 -10.75
C1' FAD B . -7.27 -14.12 -9.92
C2' FAD B . -5.94 -13.99 -10.62
O2' FAD B . -6.02 -14.44 -11.98
C3' FAD B . -4.89 -14.78 -9.85
O3' FAD B . -4.90 -14.37 -8.48
C4' FAD B . -3.47 -14.59 -10.41
O4' FAD B . -3.39 -15.12 -11.72
C5' FAD B . -2.46 -15.29 -9.52
O5' FAD B . -2.64 -16.70 -9.66
P FAD B . -2.97 -17.60 -8.36
O1P FAD B . -3.33 -19.02 -8.76
O2P FAD B . -4.00 -16.81 -7.57
O3P FAD B . -1.68 -17.66 -7.43
#